data_3NIA
#
_entry.id   3NIA
#
_cell.length_a   83.440
_cell.length_b   83.440
_cell.length_c   70.970
_cell.angle_alpha   90.00
_cell.angle_beta   90.00
_cell.angle_gamma   90.00
#
_symmetry.space_group_name_H-M   'P 43 21 2'
#
loop_
_entity.id
_entity.type
_entity.pdbx_description
1 polymer 'Beta-lactamase GES-2'
2 non-polymer 'TAZOBACTAM INTERMEDIATE'
3 non-polymer (3S)-3-(dihydroxy-lambda~4~-sulfanyl)-4-(1H-1,2,3-triazol-1-yl)-D-valine
4 water water
#
_entity_poly.entity_id   1
_entity_poly.type   'polypeptide(L)'
_entity_poly.pdbx_seq_one_letter_code
;SEKLTFKTDLEKLEREKAAQIGVAIVDPQGEIVAGHRMAQRFAMCSTFKFPLAALVFERIDSGTERGDRKLSYGPDMIVE
WSPATERFLASGHMTVLEAAQAAVQLSDNGATNLLLREIGGPAAMTQYFRKIGDSVSRLDRKEPEMNDNTPGDLRDTTTP
IAMARTVAKVLYGGALTSTSTHTIERWLIGNQTGDATLRAGFPKDWVVGEKTGTCANGGRNDIGFFKAQERDYAVAVYTT
APKLSAVERDELVASVGQVITQLILSTDK
;
_entity_poly.pdbx_strand_id   A
#
# COMPACT_ATOMS: atom_id res chain seq x y z
N SER A 1 3.89 -7.04 -29.58
CA SER A 1 2.69 -6.76 -28.80
C SER A 1 3.00 -5.76 -27.70
N GLU A 2 1.97 -5.08 -27.20
CA GLU A 2 2.11 -4.15 -26.10
C GLU A 2 2.63 -4.89 -24.88
N LYS A 3 2.19 -6.13 -24.74
CA LYS A 3 2.57 -6.97 -23.62
C LYS A 3 4.07 -7.28 -23.64
N LEU A 4 4.61 -7.54 -24.83
CA LEU A 4 6.04 -7.82 -24.97
C LEU A 4 6.87 -6.59 -24.61
N THR A 5 6.42 -5.41 -25.04
CA THR A 5 7.11 -4.17 -24.71
C THR A 5 7.14 -3.95 -23.19
N PHE A 6 6.00 -4.21 -22.55
CA PHE A 6 5.86 -4.10 -21.10
C PHE A 6 6.86 -5.00 -20.39
N LYS A 7 6.87 -6.29 -20.75
CA LYS A 7 7.85 -7.23 -20.21
C LYS A 7 9.27 -6.77 -20.45
N THR A 8 9.59 -6.45 -21.69
CA THR A 8 10.95 -6.05 -22.04
C THR A 8 11.43 -4.84 -21.25
N ASP A 9 10.57 -3.84 -21.12
CA ASP A 9 10.94 -2.61 -20.43
C ASP A 9 11.09 -2.80 -18.92
N LEU A 10 10.27 -3.68 -18.34
CA LEU A 10 10.44 -3.97 -16.91
C LEU A 10 11.75 -4.71 -16.69
N GLU A 11 12.05 -5.66 -17.57
CA GLU A 11 13.27 -6.42 -17.41
C GLU A 11 14.52 -5.57 -17.67
N LYS A 12 14.38 -4.57 -18.53
CA LYS A 12 15.45 -3.61 -18.73
C LYS A 12 15.76 -2.87 -17.44
N LEU A 13 14.73 -2.41 -16.73
CA LEU A 13 14.92 -1.75 -15.43
C LEU A 13 15.56 -2.70 -14.42
N GLU A 14 15.11 -3.95 -14.42
CA GLU A 14 15.66 -4.94 -13.51
C GLU A 14 17.15 -5.11 -13.77
N ARG A 15 17.51 -5.20 -15.04
CA ARG A 15 18.90 -5.46 -15.40
C ARG A 15 19.79 -4.25 -15.09
N GLU A 16 19.37 -3.08 -15.53
CA GLU A 16 20.18 -1.88 -15.37
CA GLU A 16 20.19 -1.88 -15.36
C GLU A 16 20.25 -1.36 -13.93
N LYS A 17 19.20 -1.64 -13.15
CA LYS A 17 19.17 -1.16 -11.76
C LYS A 17 19.42 -2.27 -10.73
N ALA A 18 19.72 -3.47 -11.22
CA ALA A 18 19.90 -4.64 -10.38
C ALA A 18 18.74 -4.78 -9.40
N ALA A 19 17.53 -4.85 -9.95
CA ALA A 19 16.32 -4.84 -9.14
C ALA A 19 15.44 -6.02 -9.49
N GLN A 20 14.55 -6.34 -8.56
CA GLN A 20 13.43 -7.22 -8.88
C GLN A 20 12.16 -6.38 -8.82
N ILE A 21 11.32 -6.53 -9.84
CA ILE A 21 10.11 -5.72 -9.96
C ILE A 21 8.89 -6.58 -10.06
N GLY A 22 8.03 -6.51 -9.04
CA GLY A 22 6.77 -7.23 -9.06
C GLY A 22 5.64 -6.28 -9.38
N VAL A 23 4.82 -6.65 -10.35
CA VAL A 23 3.69 -5.82 -10.77
C VAL A 23 2.43 -6.65 -10.99
N ALA A 24 1.31 -6.18 -10.48
CA ALA A 24 0.04 -6.73 -10.92
C ALA A 24 -0.95 -5.60 -11.18
N ILE A 25 -1.60 -5.65 -12.35
CA ILE A 25 -2.69 -4.72 -12.63
C ILE A 25 -3.91 -5.58 -12.90
N VAL A 26 -5.01 -5.28 -12.21
CA VAL A 26 -6.26 -6.00 -12.42
C VAL A 26 -7.40 -5.01 -12.67
N ASP A 27 -8.48 -5.51 -13.27
CA ASP A 27 -9.68 -4.69 -13.45
C ASP A 27 -10.56 -4.72 -12.19
N PRO A 28 -11.70 -4.00 -12.21
CA PRO A 28 -12.47 -3.93 -10.96
C PRO A 28 -12.97 -5.28 -10.45
N GLN A 29 -13.10 -6.25 -11.34
CA GLN A 29 -13.54 -7.59 -10.96
C GLN A 29 -12.36 -8.50 -10.63
N GLY A 30 -11.16 -7.96 -10.63
CA GLY A 30 -9.97 -8.71 -10.26
C GLY A 30 -9.36 -9.54 -11.38
N GLU A 31 -9.82 -9.32 -12.61
CA GLU A 31 -9.26 -10.02 -13.76
C GLU A 31 -7.91 -9.42 -14.13
N ILE A 32 -6.97 -10.26 -14.54
CA ILE A 32 -5.61 -9.81 -14.83
C ILE A 32 -5.53 -8.93 -16.07
N VAL A 33 -4.92 -7.75 -15.92
CA VAL A 33 -4.63 -6.89 -17.05
C VAL A 33 -3.18 -7.11 -17.48
N ALA A 34 -2.26 -7.05 -16.51
CA ALA A 34 -0.87 -7.37 -16.79
C ALA A 34 -0.16 -7.73 -15.50
N GLY A 35 0.98 -8.40 -15.61
CA GLY A 35 1.77 -8.72 -14.43
C GLY A 35 3.22 -8.97 -14.73
N HIS A 36 4.03 -8.93 -13.68
CA HIS A 36 5.43 -9.30 -13.74
C HIS A 36 5.80 -9.81 -12.37
N ARG A 37 6.39 -11.02 -12.31
CA ARG A 37 6.67 -11.66 -11.02
C ARG A 37 5.44 -11.58 -10.12
N MET A 38 4.26 -11.82 -10.70
CA MET A 38 3.04 -11.49 -9.98
C MET A 38 2.73 -12.43 -8.81
N ALA A 39 3.33 -13.62 -8.80
CA ALA A 39 3.09 -14.57 -7.71
C ALA A 39 4.33 -14.71 -6.83
N GLN A 40 5.23 -13.75 -6.94
CA GLN A 40 6.44 -13.73 -6.15
C GLN A 40 6.17 -13.01 -4.82
N ARG A 41 6.73 -13.54 -3.73
CA ARG A 41 6.55 -12.92 -2.41
C ARG A 41 7.43 -11.69 -2.23
N PHE A 42 6.82 -10.61 -1.74
CA PHE A 42 7.55 -9.39 -1.37
C PHE A 42 7.03 -8.94 -0.01
N ALA A 43 7.89 -8.26 0.74
CA ALA A 43 7.47 -7.67 2.02
C ALA A 43 6.47 -6.55 1.75
N MET A 44 5.38 -6.52 2.51
CA MET A 44 4.38 -5.47 2.28
C MET A 44 4.87 -4.12 2.73
N CYS A 45 5.64 -4.16 3.82
CA CYS A 45 5.94 -2.97 4.60
CA CYS A 45 5.93 -2.97 4.62
C CYS A 45 4.72 -2.04 4.68
N SER A 46 4.91 -0.74 4.47
CA SER A 46 3.79 0.16 4.74
C SER A 46 2.59 0.07 3.81
N THR A 47 2.70 -0.65 2.70
CA THR A 47 1.54 -0.79 1.84
C THR A 47 0.37 -1.43 2.59
N PHE A 48 0.67 -2.21 3.64
CA PHE A 48 -0.39 -2.90 4.36
C PHE A 48 -1.32 -1.91 5.08
N LYS A 49 -0.89 -0.67 5.23
CA LYS A 49 -1.68 0.30 6.00
C LYS A 49 -3.00 0.64 5.30
N PHE A 50 -3.02 0.44 3.99
CA PHE A 50 -4.23 0.64 3.21
C PHE A 50 -5.25 -0.45 3.61
N PRO A 51 -4.90 -1.74 3.46
CA PRO A 51 -5.77 -2.78 4.04
C PRO A 51 -6.11 -2.58 5.52
N LEU A 52 -5.19 -2.10 6.36
CA LEU A 52 -5.51 -1.84 7.75
C LEU A 52 -6.63 -0.82 7.87
N ALA A 53 -6.56 0.26 7.09
CA ALA A 53 -7.64 1.24 7.11
C ALA A 53 -8.95 0.60 6.66
N ALA A 54 -8.89 -0.30 5.68
CA ALA A 54 -10.10 -0.98 5.22
C ALA A 54 -10.71 -1.80 6.35
N LEU A 55 -9.85 -2.51 7.08
CA LEU A 55 -10.30 -3.29 8.23
C LEU A 55 -11.01 -2.38 9.23
N VAL A 56 -10.40 -1.24 9.53
CA VAL A 56 -10.99 -0.29 10.47
C VAL A 56 -12.36 0.19 9.99
N PHE A 57 -12.44 0.57 8.72
CA PHE A 57 -13.72 1.05 8.19
C PHE A 57 -14.78 -0.06 8.14
N GLU A 58 -14.34 -1.30 7.94
CA GLU A 58 -15.28 -2.43 7.96
C GLU A 58 -15.93 -2.53 9.33
N ARG A 59 -15.13 -2.34 10.38
CA ARG A 59 -15.65 -2.36 11.74
C ARG A 59 -16.55 -1.18 12.01
N ILE A 60 -16.16 -0.01 11.51
CA ILE A 60 -17.03 1.17 11.60
C ILE A 60 -18.36 0.91 10.89
N ASP A 61 -18.30 0.29 9.72
CA ASP A 61 -19.51 -0.01 8.93
C ASP A 61 -20.42 -0.95 9.71
N SER A 62 -19.80 -1.90 10.40
CA SER A 62 -20.53 -2.95 11.12
C SER A 62 -20.98 -2.50 12.49
N GLY A 63 -20.53 -1.31 12.90
CA GLY A 63 -20.91 -0.76 14.19
C GLY A 63 -20.13 -1.34 15.37
N THR A 64 -19.02 -2.02 15.09
CA THR A 64 -18.18 -2.57 16.17
C THR A 64 -16.96 -1.70 16.46
N GLU A 65 -16.91 -0.53 15.83
CA GLU A 65 -15.87 0.45 16.10
C GLU A 65 -16.47 1.81 15.79
N ARG A 66 -15.95 2.87 16.43
CA ARG A 66 -16.37 4.25 16.15
C ARG A 66 -15.18 5.07 15.73
N GLY A 67 -15.36 5.91 14.70
CA GLY A 67 -14.29 6.76 14.22
C GLY A 67 -13.86 7.77 15.26
N ASP A 68 -14.78 8.17 16.13
CA ASP A 68 -14.48 9.18 17.15
C ASP A 68 -13.92 8.62 18.45
N ARG A 69 -13.77 7.30 18.55
CA ARG A 69 -13.13 6.70 19.70
C ARG A 69 -11.73 7.27 19.90
N LYS A 70 -11.45 7.72 21.11
CA LYS A 70 -10.12 8.23 21.45
C LYS A 70 -9.21 7.11 21.90
N LEU A 71 -8.08 6.94 21.21
CA LEU A 71 -7.09 5.91 21.56
C LEU A 71 -5.97 6.58 22.32
N SER A 72 -5.91 6.37 23.64
CA SER A 72 -4.90 7.03 24.45
C SER A 72 -3.56 6.30 24.38
N TYR A 73 -2.49 7.05 24.54
CA TYR A 73 -1.15 6.47 24.52
C TYR A 73 -0.14 7.38 25.18
N GLY A 74 1.03 6.83 25.43
CA GLY A 74 2.13 7.56 26.02
C GLY A 74 3.36 7.41 25.15
N PRO A 75 4.52 7.80 25.68
CA PRO A 75 5.78 7.83 24.93
C PRO A 75 6.15 6.49 24.29
N ASP A 76 5.78 5.39 24.93
CA ASP A 76 6.16 4.07 24.40
C ASP A 76 5.55 3.79 23.03
N MET A 77 4.53 4.56 22.65
CA MET A 77 3.84 4.29 21.39
C MET A 77 4.63 4.86 20.23
N ILE A 78 5.47 5.85 20.52
CA ILE A 78 6.26 6.52 19.50
C ILE A 78 7.38 5.64 18.96
N VAL A 79 7.38 5.44 17.65
CA VAL A 79 8.43 4.68 16.98
C VAL A 79 9.01 5.53 15.83
N GLU A 80 10.01 5.03 15.13
CA GLU A 80 10.62 5.82 14.06
C GLU A 80 9.58 6.26 13.04
N TRP A 81 9.64 7.54 12.68
CA TRP A 81 8.68 8.12 11.76
C TRP A 81 7.23 8.03 12.26
N SER A 82 6.93 8.88 13.24
CA SER A 82 5.59 9.00 13.79
C SER A 82 5.25 10.49 13.88
N PRO A 83 5.20 11.19 12.73
CA PRO A 83 5.03 12.65 12.77
C PRO A 83 3.75 13.12 13.46
N ALA A 84 2.62 12.49 13.14
CA ALA A 84 1.37 12.89 13.78
C ALA A 84 1.27 12.40 15.22
N THR A 85 1.66 11.17 15.45
CA THR A 85 1.59 10.60 16.79
C THR A 85 2.40 11.47 17.77
N GLU A 86 3.55 11.96 17.34
CA GLU A 86 4.36 12.82 18.20
CA GLU A 86 4.36 12.84 18.18
C GLU A 86 3.64 14.15 18.46
N ARG A 87 3.00 14.70 17.43
CA ARG A 87 2.30 15.98 17.59
C ARG A 87 1.15 15.87 18.58
N PHE A 88 0.44 14.74 18.55
CA PHE A 88 -0.72 14.55 19.40
C PHE A 88 -0.41 13.97 20.78
N LEU A 89 0.87 13.62 21.01
CA LEU A 89 1.24 12.95 22.26
C LEU A 89 0.83 13.73 23.52
N ALA A 90 1.13 15.03 23.53
CA ALA A 90 0.82 15.84 24.70
C ALA A 90 -0.67 15.80 25.02
N SER A 91 -1.50 15.77 23.98
CA SER A 91 -2.95 15.76 24.17
C SER A 91 -3.39 14.43 24.75
N GLY A 92 -2.58 13.39 24.53
CA GLY A 92 -2.78 12.10 25.16
C GLY A 92 -3.47 11.04 24.33
N HIS A 93 -3.91 11.41 23.13
CA HIS A 93 -4.67 10.46 22.31
C HIS A 93 -4.78 10.91 20.87
N MET A 94 -5.14 9.95 20.02
CA MET A 94 -5.62 10.24 18.67
CA MET A 94 -5.62 10.23 18.67
C MET A 94 -6.92 9.45 18.49
N THR A 95 -7.86 9.98 17.73
CA THR A 95 -9.06 9.20 17.47
C THR A 95 -8.73 8.11 16.48
N VAL A 96 -9.62 7.13 16.37
CA VAL A 96 -9.49 6.10 15.36
C VAL A 96 -9.32 6.72 13.97
N LEU A 97 -10.16 7.70 13.66
CA LEU A 97 -10.09 8.34 12.35
C LEU A 97 -8.81 9.14 12.12
N GLU A 98 -8.37 9.86 13.14
CA GLU A 98 -7.11 10.58 13.06
C GLU A 98 -5.95 9.62 12.83
N ALA A 99 -5.94 8.52 13.59
CA ALA A 99 -4.86 7.56 13.47
C ALA A 99 -4.87 6.89 12.09
N ALA A 100 -6.06 6.57 11.58
CA ALA A 100 -6.15 5.91 10.28
C ALA A 100 -5.69 6.87 9.19
N GLN A 101 -6.11 8.14 9.28
CA GLN A 101 -5.68 9.10 8.27
C GLN A 101 -4.17 9.30 8.30
N ALA A 102 -3.58 9.31 9.49
CA ALA A 102 -2.15 9.53 9.60
C ALA A 102 -1.41 8.32 9.07
N ALA A 103 -1.93 7.14 9.36
CA ALA A 103 -1.30 5.91 8.88
C ALA A 103 -1.30 5.86 7.36
N VAL A 104 -2.42 6.26 6.75
CA VAL A 104 -2.52 6.20 5.29
C VAL A 104 -1.79 7.34 4.59
N GLN A 105 -1.96 8.56 5.07
CA GLN A 105 -1.47 9.72 4.33
C GLN A 105 -0.05 10.17 4.67
N LEU A 106 0.38 9.87 5.90
CA LEU A 106 1.75 10.19 6.34
C LEU A 106 2.59 8.94 6.56
N SER A 107 1.97 7.76 6.44
CA SER A 107 2.62 6.49 6.80
C SER A 107 3.17 6.51 8.22
N ASP A 108 2.44 7.18 9.11
CA ASP A 108 2.85 7.32 10.49
C ASP A 108 2.89 5.95 11.16
N ASN A 109 4.04 5.55 11.68
CA ASN A 109 4.20 4.20 12.22
C ASN A 109 3.63 4.04 13.63
N GLY A 110 3.77 5.07 14.44
CA GLY A 110 3.13 5.07 15.76
C GLY A 110 1.63 4.91 15.65
N ALA A 111 1.03 5.61 14.70
CA ALA A 111 -0.43 5.57 14.51
C ALA A 111 -0.86 4.21 14.02
N THR A 112 -0.02 3.61 13.18
CA THR A 112 -0.26 2.24 12.72
C THR A 112 -0.28 1.25 13.90
N ASN A 113 0.72 1.33 14.77
CA ASN A 113 0.75 0.45 15.94
C ASN A 113 -0.43 0.72 16.87
N LEU A 114 -0.81 1.99 16.98
CA LEU A 114 -1.94 2.37 17.82
C LEU A 114 -3.21 1.69 17.32
N LEU A 115 -3.42 1.71 16.01
CA LEU A 115 -4.57 1.05 15.39
C LEU A 115 -4.50 -0.45 15.51
N LEU A 116 -3.32 -1.02 15.25
CA LEU A 116 -3.15 -2.45 15.38
C LEU A 116 -3.56 -2.92 16.77
N ARG A 117 -3.11 -2.20 17.79
CA ARG A 117 -3.48 -2.57 19.16
C ARG A 117 -5.00 -2.54 19.33
N GLU A 118 -5.64 -1.53 18.76
CA GLU A 118 -7.08 -1.36 18.93
C GLU A 118 -7.87 -2.47 18.23
N ILE A 119 -7.44 -2.86 17.04
CA ILE A 119 -8.25 -3.80 16.26
C ILE A 119 -7.90 -5.29 16.47
N GLY A 120 -6.87 -5.57 17.26
CA GLY A 120 -6.55 -6.96 17.60
C GLY A 120 -5.24 -7.50 17.07
N GLY A 121 -4.38 -6.61 16.57
CA GLY A 121 -3.04 -6.99 16.19
C GLY A 121 -2.91 -7.70 14.86
N PRO A 122 -1.69 -8.18 14.56
CA PRO A 122 -1.40 -8.85 13.29
C PRO A 122 -2.36 -10.00 13.01
N ALA A 123 -2.77 -10.73 14.05
CA ALA A 123 -3.74 -11.81 13.87
C ALA A 123 -5.04 -11.31 13.24
N ALA A 124 -5.54 -10.19 13.74
CA ALA A 124 -6.77 -9.59 13.23
C ALA A 124 -6.58 -9.09 11.79
N MET A 125 -5.42 -8.52 11.51
CA MET A 125 -5.13 -8.04 10.15
C MET A 125 -5.15 -9.21 9.18
N THR A 126 -4.50 -10.29 9.56
CA THR A 126 -4.44 -11.46 8.69
C THR A 126 -5.82 -12.06 8.48
N GLN A 127 -6.61 -12.15 9.54
CA GLN A 127 -7.99 -12.63 9.42
C GLN A 127 -8.80 -11.77 8.46
N TYR A 128 -8.58 -10.46 8.48
CA TYR A 128 -9.29 -9.60 7.55
C TYR A 128 -8.94 -9.95 6.10
N PHE A 129 -7.64 -10.10 5.81
CA PHE A 129 -7.21 -10.52 4.48
C PHE A 129 -7.99 -11.77 4.07
N ARG A 130 -8.02 -12.76 4.96
CA ARG A 130 -8.69 -14.02 4.65
C ARG A 130 -10.16 -13.78 4.36
N LYS A 131 -10.78 -12.93 5.18
CA LYS A 131 -12.21 -12.64 5.04
C LYS A 131 -12.57 -12.07 3.66
N ILE A 132 -11.70 -11.23 3.11
CA ILE A 132 -11.97 -10.62 1.80
C ILE A 132 -11.38 -11.43 0.64
N GLY A 133 -11.08 -12.71 0.90
CA GLY A 133 -10.70 -13.64 -0.16
C GLY A 133 -9.22 -13.66 -0.54
N ASP A 134 -8.38 -13.08 0.29
CA ASP A 134 -6.94 -13.07 0.06
C ASP A 134 -6.30 -14.11 0.97
N SER A 135 -5.83 -15.20 0.38
CA SER A 135 -5.25 -16.31 1.15
C SER A 135 -3.74 -16.20 1.27
N VAL A 136 -3.19 -15.10 0.77
CA VAL A 136 -1.74 -14.98 0.59
C VAL A 136 -1.14 -13.94 1.56
N SER A 137 -1.71 -12.74 1.57
CA SER A 137 -1.17 -11.67 2.40
C SER A 137 -1.21 -12.04 3.89
N ARG A 138 -0.18 -11.68 4.62
CA ARG A 138 -0.15 -12.03 6.04
C ARG A 138 0.61 -10.97 6.82
N LEU A 139 0.07 -10.59 7.97
CA LEU A 139 0.80 -9.71 8.87
C LEU A 139 1.18 -10.51 10.10
N ASP A 140 2.44 -10.42 10.50
CA ASP A 140 2.96 -11.22 11.60
C ASP A 140 3.55 -10.39 12.72
N ARG A 141 4.04 -9.21 12.37
CA ARG A 141 4.70 -8.33 13.31
C ARG A 141 4.13 -6.92 13.21
N LYS A 142 4.57 -6.02 14.08
CA LYS A 142 4.13 -4.62 13.98
C LYS A 142 5.30 -3.72 13.56
N GLU A 143 5.13 -2.40 13.65
CA GLU A 143 6.22 -1.48 13.31
C GLU A 143 7.25 -1.46 14.44
N PRO A 144 8.55 -1.52 14.11
CA PRO A 144 9.17 -1.51 12.78
C PRO A 144 9.61 -2.88 12.29
N GLU A 145 9.48 -3.93 13.09
CA GLU A 145 10.07 -5.22 12.75
C GLU A 145 9.49 -5.81 11.46
N MET A 146 8.25 -5.47 11.14
CA MET A 146 7.61 -6.02 9.94
CA MET A 146 7.61 -6.01 9.95
C MET A 146 8.32 -5.59 8.66
N ASN A 147 9.17 -4.57 8.77
CA ASN A 147 9.86 -4.06 7.56
C ASN A 147 11.24 -4.66 7.34
N ASP A 148 11.59 -5.67 8.12
CA ASP A 148 12.93 -6.26 8.06
C ASP A 148 13.30 -6.79 6.67
N ASN A 149 12.32 -7.37 5.98
CA ASN A 149 12.53 -7.83 4.60
C ASN A 149 13.74 -8.76 4.49
N THR A 150 13.81 -9.73 5.39
CA THR A 150 14.89 -10.72 5.36
C THR A 150 14.64 -11.68 4.22
N PRO A 151 15.64 -11.90 3.36
CA PRO A 151 15.40 -12.74 2.18
C PRO A 151 14.85 -14.10 2.58
N GLY A 152 13.75 -14.51 1.94
CA GLY A 152 13.16 -15.82 2.16
C GLY A 152 12.22 -15.94 3.36
N ASP A 153 12.07 -14.85 4.11
CA ASP A 153 11.19 -14.82 5.26
C ASP A 153 9.78 -14.55 4.77
N LEU A 154 8.85 -15.43 5.11
CA LEU A 154 7.46 -15.28 4.64
C LEU A 154 6.66 -14.30 5.50
N ARG A 155 7.18 -13.93 6.67
CA ARG A 155 6.45 -13.00 7.54
C ARG A 155 6.17 -11.65 6.85
N ASP A 156 4.96 -11.17 7.01
CA ASP A 156 4.60 -9.80 6.61
C ASP A 156 4.75 -9.62 5.10
N THR A 157 4.42 -10.67 4.35
CA THR A 157 4.55 -10.63 2.89
C THR A 157 3.19 -10.71 2.18
N THR A 158 3.22 -10.36 0.90
CA THR A 158 2.11 -10.54 -0.01
C THR A 158 2.70 -10.95 -1.36
N THR A 159 1.86 -11.10 -2.37
CA THR A 159 2.34 -11.15 -3.77
C THR A 159 1.66 -10.03 -4.54
N PRO A 160 2.29 -9.57 -5.64
CA PRO A 160 1.62 -8.50 -6.37
C PRO A 160 0.18 -8.85 -6.76
N ILE A 161 -0.07 -10.06 -7.26
CA ILE A 161 -1.42 -10.38 -7.69
C ILE A 161 -2.42 -10.45 -6.53
N ALA A 162 -2.00 -11.03 -5.41
CA ALA A 162 -2.87 -11.08 -4.24
C ALA A 162 -3.23 -9.68 -3.75
N MET A 163 -2.24 -8.80 -3.65
CA MET A 163 -2.50 -7.45 -3.16
C MET A 163 -3.35 -6.66 -4.14
N ALA A 164 -3.06 -6.76 -5.44
CA ALA A 164 -3.86 -6.02 -6.41
C ALA A 164 -5.33 -6.44 -6.33
N ARG A 165 -5.57 -7.74 -6.17
CA ARG A 165 -6.94 -8.21 -6.07
CA ARG A 165 -6.95 -8.23 -6.06
C ARG A 165 -7.60 -7.76 -4.76
N THR A 166 -6.79 -7.66 -3.70
CA THR A 166 -7.28 -7.11 -2.44
C THR A 166 -7.68 -5.65 -2.60
N VAL A 167 -6.86 -4.86 -3.30
CA VAL A 167 -7.20 -3.46 -3.56
C VAL A 167 -8.52 -3.38 -4.33
N ALA A 168 -8.65 -4.18 -5.38
CA ALA A 168 -9.87 -4.19 -6.17
C ALA A 168 -11.11 -4.55 -5.33
N LYS A 169 -10.95 -5.54 -4.46
CA LYS A 169 -12.06 -5.98 -3.61
C LYS A 169 -12.48 -4.86 -2.69
N VAL A 170 -11.50 -4.16 -2.11
CA VAL A 170 -11.79 -3.08 -1.17
C VAL A 170 -12.43 -1.86 -1.84
N LEU A 171 -11.97 -1.53 -3.05
CA LEU A 171 -12.41 -0.31 -3.70
C LEU A 171 -13.57 -0.52 -4.67
N TYR A 172 -13.62 -1.68 -5.31
CA TYR A 172 -14.59 -1.91 -6.38
C TYR A 172 -15.53 -3.08 -6.09
N GLY A 173 -15.13 -3.94 -5.15
CA GLY A 173 -15.83 -5.19 -4.94
C GLY A 173 -16.80 -5.22 -3.78
N GLY A 174 -17.15 -4.04 -3.27
CA GLY A 174 -18.19 -3.92 -2.26
C GLY A 174 -17.80 -4.33 -0.84
N ALA A 175 -16.50 -4.34 -0.53
CA ALA A 175 -16.05 -4.72 0.81
C ALA A 175 -16.49 -3.70 1.86
N LEU A 176 -16.64 -2.45 1.44
CA LEU A 176 -16.99 -1.36 2.36
C LEU A 176 -18.20 -0.60 1.84
N THR A 177 -18.85 0.15 2.72
CA THR A 177 -19.95 0.99 2.29
C THR A 177 -19.40 2.04 1.32
N SER A 178 -20.28 2.63 0.52
CA SER A 178 -19.84 3.61 -0.46
C SER A 178 -19.18 4.79 0.27
N THR A 179 -19.72 5.15 1.42
CA THR A 179 -19.15 6.24 2.23
C THR A 179 -17.72 5.92 2.67
N SER A 180 -17.52 4.76 3.27
CA SER A 180 -16.19 4.37 3.73
C SER A 180 -15.22 4.19 2.56
N THR A 181 -15.71 3.62 1.47
CA THR A 181 -14.91 3.49 0.26
C THR A 181 -14.43 4.85 -0.22
N HIS A 182 -15.35 5.81 -0.32
CA HIS A 182 -15.00 7.14 -0.80
CA HIS A 182 -15.00 7.14 -0.79
C HIS A 182 -13.97 7.80 0.12
N THR A 183 -14.14 7.64 1.43
CA THR A 183 -13.23 8.24 2.38
C THR A 183 -11.80 7.72 2.19
N ILE A 184 -11.66 6.40 2.04
CA ILE A 184 -10.34 5.83 1.86
CA ILE A 184 -10.34 5.83 1.85
C ILE A 184 -9.75 6.23 0.51
N GLU A 185 -10.57 6.26 -0.52
CA GLU A 185 -10.11 6.67 -1.85
C GLU A 185 -9.58 8.09 -1.85
N ARG A 186 -10.30 9.01 -1.21
CA ARG A 186 -9.83 10.39 -1.14
C ARG A 186 -8.53 10.49 -0.33
N TRP A 187 -8.42 9.72 0.75
CA TRP A 187 -7.16 9.70 1.51
C TRP A 187 -6.00 9.24 0.62
N LEU A 188 -6.24 8.22 -0.20
CA LEU A 188 -5.19 7.71 -1.07
C LEU A 188 -4.77 8.72 -2.13
N ILE A 189 -5.73 9.44 -2.68
CA ILE A 189 -5.43 10.50 -3.64
C ILE A 189 -4.61 11.61 -2.99
N GLY A 190 -4.97 11.98 -1.76
CA GLY A 190 -4.32 13.09 -1.08
C GLY A 190 -3.12 12.67 -0.24
N ASN A 191 -2.71 11.42 -0.37
CA ASN A 191 -1.53 10.88 0.34
CA ASN A 191 -1.60 10.98 0.48
C ASN A 191 -0.35 11.83 0.21
N GLN A 192 0.43 12.01 1.27
CA GLN A 192 1.55 12.94 1.21
C GLN A 192 2.91 12.32 0.94
N THR A 193 2.97 11.00 0.76
CA THR A 193 4.25 10.33 0.67
C THR A 193 4.55 9.74 -0.70
N GLY A 194 3.61 9.88 -1.64
CA GLY A 194 3.75 9.21 -2.93
C GLY A 194 4.12 10.07 -4.13
N ASP A 195 4.50 11.32 -3.89
CA ASP A 195 4.73 12.25 -4.99
C ASP A 195 5.86 11.83 -5.93
N ALA A 196 6.85 11.11 -5.42
CA ALA A 196 8.03 10.74 -6.19
C ALA A 196 8.01 9.28 -6.66
N THR A 197 6.95 8.55 -6.34
CA THR A 197 6.92 7.14 -6.71
C THR A 197 5.98 6.86 -7.89
N LEU A 198 5.08 5.90 -7.74
CA LEU A 198 4.27 5.45 -8.88
C LEU A 198 3.55 6.58 -9.65
N ARG A 199 2.89 7.48 -8.93
CA ARG A 199 2.10 8.51 -9.61
C ARG A 199 2.94 9.51 -10.40
N ALA A 200 4.24 9.59 -10.10
CA ALA A 200 5.16 10.43 -10.86
C ALA A 200 5.42 9.86 -12.25
N GLY A 201 5.04 8.60 -12.43
CA GLY A 201 5.14 7.95 -13.73
C GLY A 201 3.84 7.91 -14.52
N PHE A 202 2.75 8.36 -13.92
CA PHE A 202 1.45 8.36 -14.60
C PHE A 202 1.16 9.73 -15.22
N PRO A 203 0.34 9.76 -16.29
CA PRO A 203 -0.06 11.05 -16.85
C PRO A 203 -0.77 11.95 -15.83
N LYS A 204 -0.59 13.25 -16.00
CA LYS A 204 -1.12 14.23 -15.06
C LYS A 204 -2.64 14.17 -14.93
N ASP A 205 -3.33 13.69 -15.96
CA ASP A 205 -4.79 13.72 -15.93
C ASP A 205 -5.44 12.45 -15.37
N TRP A 206 -4.65 11.42 -15.08
CA TRP A 206 -5.20 10.22 -14.45
C TRP A 206 -5.58 10.50 -12.99
N VAL A 207 -6.73 10.01 -12.56
CA VAL A 207 -7.05 10.06 -11.14
C VAL A 207 -6.39 8.86 -10.49
N VAL A 208 -5.46 9.12 -9.59
CA VAL A 208 -4.68 8.06 -8.96
CA VAL A 208 -4.68 8.06 -8.96
C VAL A 208 -4.60 8.26 -7.45
N GLY A 209 -4.70 7.16 -6.71
CA GLY A 209 -4.48 7.19 -5.27
C GLY A 209 -3.63 5.98 -4.94
N GLU A 210 -2.73 6.11 -3.97
CA GLU A 210 -1.85 4.99 -3.64
C GLU A 210 -1.22 5.12 -2.27
N LYS A 211 -0.68 4.00 -1.79
CA LYS A 211 0.00 3.92 -0.50
C LYS A 211 1.39 3.33 -0.72
N THR A 212 2.41 4.05 -0.26
CA THR A 212 3.79 3.62 -0.45
C THR A 212 4.28 2.69 0.67
N GLY A 213 5.39 2.00 0.40
CA GLY A 213 6.12 1.31 1.45
C GLY A 213 7.61 1.38 1.21
N THR A 214 8.37 1.28 2.30
CA THR A 214 9.84 1.22 2.24
C THR A 214 10.29 0.13 3.22
N CYS A 215 11.11 -0.81 2.72
CA CYS A 215 11.57 -1.96 3.50
C CYS A 215 13.09 -1.92 3.58
N ALA A 216 13.64 -2.52 4.63
CA ALA A 216 15.08 -2.74 4.68
C ALA A 216 15.49 -3.59 3.48
N ASN A 217 16.80 -3.65 3.22
CA ASN A 217 17.30 -4.44 2.10
C ASN A 217 16.77 -3.95 0.76
N GLY A 218 16.46 -2.66 0.69
CA GLY A 218 16.19 -2.03 -0.59
C GLY A 218 14.78 -2.18 -1.13
N GLY A 219 13.81 -2.41 -0.26
CA GLY A 219 12.42 -2.48 -0.70
C GLY A 219 11.76 -1.13 -0.93
N ARG A 220 11.04 -0.98 -2.02
CA ARG A 220 10.27 0.24 -2.26
C ARG A 220 9.03 -0.13 -3.05
N ASN A 221 7.87 0.10 -2.44
CA ASN A 221 6.60 -0.42 -2.95
C ASN A 221 5.55 0.68 -3.08
N ASP A 222 4.52 0.43 -3.90
CA ASP A 222 3.43 1.39 -4.06
C ASP A 222 2.21 0.63 -4.58
N ILE A 223 1.10 0.69 -3.85
CA ILE A 223 -0.13 0.01 -4.29
C ILE A 223 -1.27 1.01 -4.32
N GLY A 224 -2.25 0.77 -5.18
CA GLY A 224 -3.36 1.71 -5.24
C GLY A 224 -4.26 1.51 -6.43
N PHE A 225 -4.83 2.60 -6.94
CA PHE A 225 -5.80 2.50 -8.03
C PHE A 225 -5.59 3.68 -8.97
N PHE A 226 -6.03 3.52 -10.21
CA PHE A 226 -6.06 4.66 -11.11
C PHE A 226 -7.21 4.54 -12.10
N LYS A 227 -7.68 5.68 -12.57
CA LYS A 227 -8.70 5.73 -13.58
C LYS A 227 -8.08 6.35 -14.81
N ALA A 228 -8.11 5.61 -15.92
CA ALA A 228 -7.47 6.05 -17.16
C ALA A 228 -8.43 5.79 -18.30
N GLN A 229 -8.67 6.80 -19.12
CA GLN A 229 -9.59 6.65 -20.26
C GLN A 229 -10.93 6.08 -19.78
N GLU A 230 -11.44 6.61 -18.68
CA GLU A 230 -12.73 6.20 -18.14
C GLU A 230 -12.81 4.75 -17.63
N ARG A 231 -11.67 4.06 -17.56
CA ARG A 231 -11.64 2.71 -16.98
C ARG A 231 -10.88 2.68 -15.65
N ASP A 232 -11.38 1.90 -14.71
CA ASP A 232 -10.78 1.80 -13.39
C ASP A 232 -9.86 0.59 -13.27
N TYR A 233 -8.77 0.76 -12.55
CA TYR A 233 -7.79 -0.32 -12.37
C TYR A 233 -7.29 -0.36 -10.93
N ALA A 234 -6.90 -1.55 -10.47
CA ALA A 234 -6.17 -1.68 -9.22
C ALA A 234 -4.74 -2.14 -9.54
N VAL A 235 -3.77 -1.64 -8.79
CA VAL A 235 -2.39 -1.92 -9.12
C VAL A 235 -1.57 -2.15 -7.86
N ALA A 236 -0.64 -3.09 -7.95
CA ALA A 236 0.31 -3.32 -6.86
C ALA A 236 1.71 -3.42 -7.46
N VAL A 237 2.63 -2.63 -6.92
CA VAL A 237 4.02 -2.66 -7.37
C VAL A 237 4.93 -2.83 -6.17
N TYR A 238 5.78 -3.86 -6.24
CA TYR A 238 6.75 -4.16 -5.19
C TYR A 238 8.10 -4.23 -5.84
N THR A 239 9.08 -3.52 -5.28
CA THR A 239 10.42 -3.58 -5.87
C THR A 239 11.47 -3.79 -4.79
N THR A 240 12.57 -4.43 -5.20
CA THR A 240 13.72 -4.63 -4.32
C THR A 240 14.99 -4.29 -5.11
N ALA A 241 15.76 -3.35 -4.59
CA ALA A 241 16.97 -2.90 -5.27
C ALA A 241 18.00 -2.50 -4.22
N PRO A 242 18.72 -3.48 -3.67
CA PRO A 242 19.63 -3.27 -2.55
C PRO A 242 20.72 -2.23 -2.80
N LYS A 243 21.16 -2.04 -4.04
CA LYS A 243 22.30 -1.18 -4.32
CA LYS A 243 22.30 -1.18 -4.33
C LYS A 243 21.92 0.24 -4.75
N LEU A 244 20.64 0.50 -4.97
CA LEU A 244 20.21 1.84 -5.33
C LEU A 244 20.15 2.75 -4.10
N SER A 245 20.29 4.06 -4.32
CA SER A 245 20.03 5.03 -3.27
C SER A 245 18.53 5.15 -3.07
N ALA A 246 18.12 5.79 -1.98
CA ALA A 246 16.70 6.00 -1.73
C ALA A 246 16.05 6.78 -2.88
N VAL A 247 16.70 7.84 -3.33
CA VAL A 247 16.15 8.62 -4.44
C VAL A 247 16.06 7.80 -5.72
N GLU A 248 17.05 6.97 -5.96
CA GLU A 248 17.03 6.12 -7.15
C GLU A 248 15.92 5.07 -7.07
N ARG A 249 15.60 4.59 -5.86
CA ARG A 249 14.49 3.64 -5.71
C ARG A 249 13.15 4.33 -6.01
N ASP A 250 12.99 5.58 -5.55
CA ASP A 250 11.82 6.37 -5.93
C ASP A 250 11.72 6.43 -7.45
N GLU A 251 12.84 6.78 -8.09
CA GLU A 251 12.87 6.93 -9.53
CA GLU A 251 12.89 6.92 -9.54
C GLU A 251 12.52 5.61 -10.23
N LEU A 252 13.00 4.51 -9.67
CA LEU A 252 12.68 3.19 -10.21
C LEU A 252 11.18 2.95 -10.21
N VAL A 253 10.51 3.24 -9.10
CA VAL A 253 9.07 3.01 -9.04
C VAL A 253 8.34 3.94 -10.01
N ALA A 254 8.79 5.19 -10.12
CA ALA A 254 8.19 6.09 -11.09
C ALA A 254 8.40 5.58 -12.51
N SER A 255 9.57 4.98 -12.77
CA SER A 255 9.84 4.42 -14.09
C SER A 255 8.90 3.25 -14.38
N VAL A 256 8.61 2.45 -13.37
CA VAL A 256 7.65 1.37 -13.54
C VAL A 256 6.29 1.98 -13.87
N GLY A 257 5.96 3.09 -13.23
CA GLY A 257 4.73 3.79 -13.54
C GLY A 257 4.66 4.18 -15.02
N GLN A 258 5.78 4.63 -15.57
CA GLN A 258 5.82 4.99 -17.00
C GLN A 258 5.59 3.79 -17.90
N VAL A 259 6.15 2.64 -17.51
CA VAL A 259 5.96 1.42 -18.29
C VAL A 259 4.49 0.99 -18.24
N ILE A 260 3.91 1.07 -17.05
CA ILE A 260 2.48 0.79 -16.89
C ILE A 260 1.65 1.73 -17.78
N THR A 261 1.98 3.01 -17.78
CA THR A 261 1.25 3.98 -18.61
C THR A 261 1.25 3.60 -20.07
N GLN A 262 2.42 3.25 -20.58
CA GLN A 262 2.54 2.89 -22.00
C GLN A 262 1.65 1.70 -22.35
N LEU A 263 1.63 0.69 -21.48
CA LEU A 263 0.77 -0.47 -21.70
C LEU A 263 -0.71 -0.06 -21.70
N ILE A 264 -1.12 0.69 -20.70
CA ILE A 264 -2.52 1.05 -20.56
C ILE A 264 -3.01 1.88 -21.74
N LEU A 265 -2.21 2.85 -22.16
CA LEU A 265 -2.60 3.75 -23.25
C LEU A 265 -2.60 3.06 -24.61
N SER A 266 -1.90 1.94 -24.72
CA SER A 266 -1.81 1.24 -26.00
C SER A 266 -3.04 0.37 -26.23
N THR A 267 -3.77 0.10 -25.15
CA THR A 267 -4.96 -0.76 -25.20
C THR A 267 -6.21 0.03 -25.59
#